data_3DZH
#
_entry.id   3DZH
#
_cell.length_a   41.679
_cell.length_b   52.646
_cell.length_c   65.235
_cell.angle_alpha   106.14
_cell.angle_beta   91.83
_cell.angle_gamma   95.02
#
_symmetry.space_group_name_H-M   'P 1'
#
loop_
_entity.id
_entity.type
_entity.pdbx_description
1 polymer 'ADP-ribosyl cyclase 1'
2 non-polymer "GUANOSINE-5'-TRIPHOSPHATE"
3 water water
#
_entity_poly.entity_id   1
_entity_poly.type   'polypeptide(L)'
_entity_poly.pdbx_seq_one_letter_code
;KREAEARWRQTWSGPGTTKRFPETVLARCVKYTEIHPEMRHVDCQSVWDAFKGAFISKHPCDITEEDYQPLMKLGTQTVP
CNKILLWSRIKDLAHQFTQVQRDMFTLEDTLLGYLADDLTWCGEFDTSKINYQSCPDWRKDCSNNPVSVFWKTVSRRFAE
AACDVVHVMLDGSRSKIFDKDSTFGSVEVHNLQPEKVQTLEAWVIHGGREDSRDLCQDPTIKELESIISKRNIQFSCKNI
YRPDKFLQCVKNPEDSSCTSEI
;
_entity_poly.pdbx_strand_id   A,B
#
loop_
_chem_comp.id
_chem_comp.type
_chem_comp.name
_chem_comp.formula
GTP non-polymer GUANOSINE-5'-TRIPHOSPHATE 'C10 H16 N5 O14 P3'
#
# COMPACT_ATOMS: atom_id res chain seq x y z
N ARG A 7 29.13 27.60 1.19
CA ARG A 7 29.78 26.30 0.78
C ARG A 7 29.55 26.08 -0.67
N TRP A 8 30.53 25.46 -1.30
CA TRP A 8 30.55 25.38 -2.75
C TRP A 8 29.97 24.10 -3.33
N ARG A 9 29.56 23.16 -2.48
CA ARG A 9 28.89 21.96 -2.97
C ARG A 9 27.92 21.33 -1.94
N GLN A 10 26.67 21.12 -2.32
CA GLN A 10 25.74 20.62 -1.29
C GLN A 10 25.65 19.11 -1.17
N THR A 11 25.10 18.64 -0.05
CA THR A 11 24.99 17.19 0.12
C THR A 11 24.03 16.57 -0.87
N TRP A 12 22.87 17.19 -1.07
CA TRP A 12 21.90 16.52 -1.91
C TRP A 12 21.77 17.37 -3.17
N SER A 13 21.05 16.90 -4.15
CA SER A 13 20.88 17.67 -5.39
C SER A 13 19.64 18.49 -5.43
N GLY A 14 18.75 18.36 -4.45
CA GLY A 14 17.54 19.22 -4.47
C GLY A 14 17.74 20.56 -3.76
N PRO A 15 16.88 21.55 -4.08
CA PRO A 15 16.67 22.71 -3.13
C PRO A 15 16.46 22.38 -1.68
N GLY A 16 17.02 23.21 -0.79
CA GLY A 16 16.94 22.88 0.65
C GLY A 16 15.69 23.46 1.28
N THR A 17 15.54 23.22 2.60
CA THR A 17 14.28 23.53 3.28
C THR A 17 13.82 25.00 3.04
N THR A 18 12.52 25.27 2.77
CA THR A 18 12.04 26.64 2.47
C THR A 18 12.35 27.54 3.66
N LYS A 19 12.76 28.76 3.33
CA LYS A 19 13.25 29.67 4.37
C LYS A 19 12.18 29.90 5.41
N ARG A 20 12.60 29.92 6.68
CA ARG A 20 11.64 30.07 7.76
C ARG A 20 10.47 29.03 7.68
N PHE A 21 10.82 27.85 7.22
CA PHE A 21 9.80 26.82 7.23
C PHE A 21 8.92 26.66 8.53
N PRO A 22 9.50 26.70 9.70
CA PRO A 22 8.69 26.37 10.86
C PRO A 22 7.64 27.45 11.11
N GLU A 23 8.07 28.69 10.84
CA GLU A 23 7.19 29.89 11.09
C GLU A 23 6.13 29.89 10.01
N THR A 24 6.55 29.54 8.79
CA THR A 24 5.62 29.52 7.61
C THR A 24 4.52 28.52 7.86
N VAL A 25 4.92 27.32 8.28
CA VAL A 25 3.95 26.24 8.53
C VAL A 25 3.01 26.62 9.69
N LEU A 26 3.57 27.12 10.79
CA LEU A 26 2.76 27.55 11.92
C LEU A 26 1.73 28.62 11.50
N ALA A 27 2.13 29.61 10.70
CA ALA A 27 1.25 30.68 10.33
C ALA A 27 0.16 30.16 9.44
N ARG A 28 0.52 29.24 8.55
CA ARG A 28 -0.52 28.69 7.68
C ARG A 28 -1.53 27.93 8.48
N CYS A 29 -1.12 27.27 9.52
CA CYS A 29 -2.02 26.50 10.27
C CYS A 29 -2.95 27.46 11.02
N VAL A 30 -2.37 28.47 11.63
CA VAL A 30 -3.23 29.47 12.33
C VAL A 30 -4.29 30.05 11.37
N LYS A 31 -3.83 30.48 10.20
CA LYS A 31 -4.74 31.07 9.25
C LYS A 31 -5.81 30.08 8.77
N TYR A 32 -5.39 28.82 8.45
CA TYR A 32 -6.39 27.87 7.97
C TYR A 32 -7.49 27.59 9.04
N THR A 33 -7.07 27.41 10.29
CA THR A 33 -7.94 27.05 11.36
C THR A 33 -8.84 28.30 11.72
N GLU A 34 -8.43 29.50 11.29
CA GLU A 34 -9.26 30.73 11.53
C GLU A 34 -10.36 30.76 10.53
N ILE A 35 -10.07 30.32 9.29
CA ILE A 35 -11.05 30.50 8.21
C ILE A 35 -12.03 29.37 8.16
N HIS A 36 -11.57 28.18 8.49
CA HIS A 36 -12.38 26.97 8.30
C HIS A 36 -12.86 26.46 9.58
N PRO A 37 -14.14 26.61 9.82
CA PRO A 37 -14.62 26.41 11.15
C PRO A 37 -14.53 24.95 11.61
N GLU A 38 -14.60 24.01 10.67
CA GLU A 38 -14.48 22.62 11.07
C GLU A 38 -13.08 22.34 11.64
N MET A 39 -12.12 23.20 11.33
CA MET A 39 -10.75 22.99 11.85
C MET A 39 -10.44 24.05 12.93
N ARG A 40 -11.48 24.75 13.37
CA ARG A 40 -11.42 25.87 14.31
C ARG A 40 -10.68 25.53 15.53
N HIS A 41 -10.63 24.23 15.81
CA HIS A 41 -10.21 23.83 17.14
C HIS A 41 -8.79 23.33 17.16
N VAL A 42 -8.25 23.04 15.98
CA VAL A 42 -6.94 22.37 15.86
C VAL A 42 -5.88 23.17 16.60
N ASP A 43 -4.99 22.48 17.33
CA ASP A 43 -3.85 23.16 17.99
C ASP A 43 -2.71 23.22 17.01
N CYS A 44 -2.35 24.44 16.58
CA CYS A 44 -1.36 24.58 15.53
C CYS A 44 0.06 24.27 16.00
N GLN A 45 0.35 24.47 17.28
CA GLN A 45 1.63 24.09 17.79
C GLN A 45 1.79 22.58 17.68
N SER A 46 0.71 21.89 18.00
CA SER A 46 0.79 20.45 17.97
C SER A 46 0.95 20.01 16.53
N VAL A 47 0.31 20.74 15.61
CA VAL A 47 0.40 20.29 14.19
C VAL A 47 1.83 20.44 13.82
N TRP A 48 2.45 21.62 14.08
CA TRP A 48 3.86 21.81 13.81
C TRP A 48 4.72 20.73 14.47
N ASP A 49 4.41 20.39 15.74
CA ASP A 49 5.23 19.36 16.46
C ASP A 49 5.16 17.94 15.80
N ALA A 50 3.99 17.60 15.28
CA ALA A 50 3.84 16.30 14.59
C ALA A 50 4.45 16.37 13.20
N PHE A 51 4.37 17.55 12.56
CA PHE A 51 4.99 17.73 11.20
C PHE A 51 6.50 17.53 11.41
N LYS A 52 7.07 18.26 12.39
CA LYS A 52 8.50 18.14 12.69
C LYS A 52 8.88 16.72 13.05
N GLY A 53 8.03 16.04 13.76
CA GLY A 53 8.33 14.68 14.18
C GLY A 53 8.54 13.74 13.04
N ALA A 54 7.89 14.04 11.90
CA ALA A 54 7.96 13.14 10.79
C ALA A 54 9.35 13.09 10.18
N PHE A 55 10.09 14.18 10.21
CA PHE A 55 11.37 14.20 9.49
C PHE A 55 12.58 14.57 10.31
N ILE A 56 12.38 15.22 11.43
CA ILE A 56 13.60 15.72 12.17
C ILE A 56 14.32 14.55 12.72
N SER A 57 15.64 14.60 12.70
CA SER A 57 16.47 13.57 13.31
C SER A 57 16.34 12.29 12.53
N LYS A 58 15.83 12.34 11.29
CA LYS A 58 15.64 11.09 10.58
C LYS A 58 16.44 11.25 9.32
N HIS A 59 16.95 10.16 8.75
CA HIS A 59 17.69 10.30 7.50
C HIS A 59 16.64 10.59 6.38
N PRO A 60 16.91 11.61 5.54
CA PRO A 60 15.92 12.11 4.62
C PRO A 60 15.84 11.28 3.37
N CYS A 61 16.52 10.12 3.37
CA CYS A 61 16.21 9.13 2.32
C CYS A 61 15.59 7.91 2.92
N ASP A 62 15.08 8.03 4.14
CA ASP A 62 14.52 6.89 4.83
C ASP A 62 13.26 7.33 5.53
N ILE A 63 12.43 8.11 4.79
CA ILE A 63 11.17 8.54 5.36
C ILE A 63 10.10 7.61 4.94
N THR A 64 9.17 7.37 5.83
CA THR A 64 8.14 6.44 5.50
C THR A 64 6.79 7.12 5.73
N GLU A 65 5.75 6.51 5.22
CA GLU A 65 4.43 7.05 5.41
C GLU A 65 4.09 7.05 6.92
N GLU A 66 4.67 6.13 7.67
CA GLU A 66 4.45 6.06 9.13
C GLU A 66 4.88 7.30 9.82
N ASP A 67 5.98 7.86 9.35
CA ASP A 67 6.54 9.01 9.95
C ASP A 67 5.44 10.07 10.01
N TYR A 68 4.60 10.16 8.96
CA TYR A 68 3.63 11.25 8.88
C TYR A 68 2.31 10.91 9.53
N GLN A 69 2.21 9.78 10.24
CA GLN A 69 0.88 9.42 10.75
C GLN A 69 0.42 10.31 11.90
N PRO A 70 1.30 10.63 12.86
CA PRO A 70 0.89 11.64 13.82
C PRO A 70 0.28 12.86 13.17
N LEU A 71 0.89 13.43 12.11
CA LEU A 71 0.40 14.63 11.44
C LEU A 71 -0.91 14.32 10.78
N MET A 72 -0.98 13.17 10.09
CA MET A 72 -2.27 12.77 9.44
C MET A 72 -3.45 12.74 10.40
N LYS A 73 -3.26 12.16 11.60
CA LYS A 73 -4.31 12.10 12.63
C LYS A 73 -4.72 13.54 12.98
N LEU A 74 -3.76 14.39 13.25
CA LEU A 74 -4.12 15.72 13.67
C LEU A 74 -4.86 16.47 12.60
N GLY A 75 -4.51 16.17 11.33
CA GLY A 75 -5.07 16.92 10.20
C GLY A 75 -6.25 16.20 9.57
N THR A 76 -6.77 15.19 10.28
CA THR A 76 -8.03 14.52 9.90
C THR A 76 -9.11 15.55 9.57
N GLN A 77 -9.73 15.35 8.41
CA GLN A 77 -10.75 16.34 8.03
C GLN A 77 -11.74 15.80 7.01
N THR A 78 -13.01 16.17 7.14
CA THR A 78 -14.05 15.73 6.15
C THR A 78 -13.91 16.59 4.95
N VAL A 79 -14.04 15.95 3.80
CA VAL A 79 -14.00 16.73 2.54
C VAL A 79 -15.28 16.34 1.79
N PRO A 80 -16.01 17.28 1.14
CA PRO A 80 -17.20 16.81 0.42
C PRO A 80 -16.82 15.83 -0.69
N CYS A 81 -17.18 14.57 -0.52
CA CYS A 81 -16.50 13.49 -1.37
C CYS A 81 -16.87 13.62 -2.78
N ASN A 82 -18.01 14.25 -3.12
CA ASN A 82 -18.45 14.26 -4.50
C ASN A 82 -18.02 15.56 -5.24
N LYS A 83 -17.17 16.38 -4.62
CA LYS A 83 -16.77 17.64 -5.24
C LYS A 83 -15.22 17.73 -5.31
N ILE A 84 -14.59 16.59 -5.42
CA ILE A 84 -13.09 16.57 -5.45
C ILE A 84 -12.57 16.94 -6.85
N LEU A 85 -11.56 17.82 -6.83
CA LEU A 85 -10.88 18.13 -8.11
C LEU A 85 -9.38 17.73 -7.90
N LEU A 86 -8.93 16.81 -8.76
CA LEU A 86 -7.56 16.38 -8.78
C LEU A 86 -6.90 17.16 -9.93
N TRP A 87 -5.57 17.19 -9.94
CA TRP A 87 -4.93 17.94 -11.00
C TRP A 87 -3.54 17.35 -11.21
N SER A 88 -2.98 17.63 -12.39
CA SER A 88 -1.63 17.25 -12.70
C SER A 88 -1.01 18.44 -13.50
N ARG A 89 0.05 19.00 -12.90
CA ARG A 89 0.85 20.09 -13.58
C ARG A 89 0.04 21.26 -14.07
N ILE A 90 -1.10 21.51 -13.48
CA ILE A 90 -1.86 22.66 -13.83
C ILE A 90 -2.57 23.24 -12.50
N LYS A 91 -1.80 23.27 -11.41
CA LYS A 91 -2.47 23.58 -10.16
C LYS A 91 -2.96 25.04 -10.07
N ASP A 92 -2.34 26.00 -10.71
CA ASP A 92 -2.86 27.38 -10.66
C ASP A 92 -4.24 27.49 -11.19
N LEU A 93 -4.55 26.86 -12.33
CA LEU A 93 -5.90 26.96 -12.90
C LEU A 93 -6.86 26.23 -11.94
N ALA A 94 -6.44 25.05 -11.44
CA ALA A 94 -7.35 24.40 -10.47
C ALA A 94 -7.71 25.24 -9.31
N HIS A 95 -6.70 25.89 -8.77
CA HIS A 95 -6.99 26.73 -7.61
C HIS A 95 -7.78 27.97 -7.98
N GLN A 96 -7.48 28.60 -9.14
CA GLN A 96 -8.26 29.77 -9.56
C GLN A 96 -9.72 29.35 -9.72
N PHE A 97 -9.94 28.16 -10.26
CA PHE A 97 -11.32 27.72 -10.50
C PHE A 97 -12.06 27.51 -9.14
N THR A 98 -11.42 26.75 -8.24
CA THR A 98 -12.18 26.43 -7.00
C THR A 98 -12.36 27.71 -6.18
N GLN A 99 -11.49 28.69 -6.37
CA GLN A 99 -11.67 29.98 -5.63
C GLN A 99 -12.89 30.77 -5.96
N VAL A 100 -13.46 30.60 -7.16
CA VAL A 100 -14.55 31.46 -7.56
C VAL A 100 -15.78 31.35 -6.64
N GLN A 101 -16.20 30.05 -6.51
CA GLN A 101 -17.40 29.81 -5.68
C GLN A 101 -17.36 28.46 -5.02
N ARG A 102 -16.15 27.89 -4.84
CA ARG A 102 -15.94 26.67 -4.13
C ARG A 102 -16.77 25.51 -4.78
N ASP A 103 -16.82 25.47 -6.11
CA ASP A 103 -17.56 24.46 -6.88
C ASP A 103 -16.92 23.08 -6.63
N MET A 104 -15.59 23.03 -6.46
CA MET A 104 -14.87 21.80 -6.13
C MET A 104 -13.79 22.11 -5.05
N PHE A 105 -13.13 21.06 -4.58
CA PHE A 105 -12.14 21.12 -3.56
C PHE A 105 -10.90 20.39 -4.07
N THR A 106 -9.71 21.04 -4.04
CA THR A 106 -8.46 20.27 -4.30
C THR A 106 -7.79 19.90 -3.03
N LEU A 107 -6.67 19.18 -3.13
CA LEU A 107 -5.92 18.75 -1.92
C LEU A 107 -5.45 19.96 -1.12
N GLU A 108 -5.21 21.04 -1.86
CA GLU A 108 -4.64 22.27 -1.21
C GLU A 108 -5.75 23.07 -0.49
N ASP A 109 -7.01 22.64 -0.63
CA ASP A 109 -8.14 23.14 0.19
C ASP A 109 -8.26 22.47 1.52
N THR A 110 -7.47 21.43 1.78
CA THR A 110 -7.49 20.74 3.08
C THR A 110 -6.37 21.34 3.90
N LEU A 111 -6.43 21.17 5.20
CA LEU A 111 -5.44 21.75 6.07
C LEU A 111 -4.04 21.25 5.69
N LEU A 112 -3.88 19.95 5.49
CA LEU A 112 -2.47 19.50 5.27
C LEU A 112 -1.96 19.91 3.94
N GLY A 113 -2.76 19.85 2.88
CA GLY A 113 -2.33 20.30 1.59
C GLY A 113 -2.03 21.82 1.60
N TYR A 114 -2.82 22.63 2.34
CA TYR A 114 -2.56 24.05 2.42
C TYR A 114 -1.23 24.32 3.20
N LEU A 115 -0.99 23.57 4.27
CA LEU A 115 0.27 23.76 5.05
C LEU A 115 1.48 23.59 4.14
N ALA A 116 1.48 22.56 3.29
CA ALA A 116 2.73 22.17 2.60
C ALA A 116 2.87 22.71 1.21
N ASP A 117 1.77 23.27 0.63
CA ASP A 117 1.85 23.64 -0.75
C ASP A 117 3.00 24.56 -1.06
N ASP A 118 3.77 24.25 -2.09
CA ASP A 118 4.93 25.04 -2.53
C ASP A 118 6.14 25.02 -1.60
N LEU A 119 6.10 24.25 -0.54
CA LEU A 119 7.19 24.21 0.42
C LEU A 119 8.08 22.97 0.18
N THR A 120 9.33 23.13 0.66
CA THR A 120 10.37 22.06 0.64
C THR A 120 10.91 21.91 2.05
N TRP A 121 11.20 20.68 2.52
CA TRP A 121 11.72 20.54 3.90
C TRP A 121 12.47 19.19 4.03
N CYS A 122 13.53 19.14 4.89
CA CYS A 122 14.18 17.86 5.18
C CYS A 122 15.14 18.09 6.34
N GLY A 123 15.38 17.03 7.11
CA GLY A 123 16.27 17.14 8.26
C GLY A 123 17.53 16.32 7.99
N GLU A 124 18.13 15.75 9.05
CA GLU A 124 19.52 15.19 9.07
C GLU A 124 19.49 14.00 9.96
N PHE A 125 20.26 12.97 9.66
CA PHE A 125 20.04 11.79 10.52
C PHE A 125 20.71 12.21 11.81
N ASP A 126 20.12 11.81 12.94
CA ASP A 126 20.75 12.00 14.25
C ASP A 126 21.29 13.37 14.63
N THR A 127 20.88 14.44 13.91
CA THR A 127 20.87 15.79 14.52
C THR A 127 19.49 16.30 14.46
N SER A 128 19.10 17.30 15.27
CA SER A 128 17.70 17.71 15.17
C SER A 128 17.58 18.96 14.35
N LYS A 129 18.58 19.25 13.55
CA LYS A 129 18.51 20.40 12.63
C LYS A 129 17.66 20.18 11.37
N ILE A 130 17.04 21.30 10.93
CA ILE A 130 16.36 21.37 9.60
C ILE A 130 17.48 21.66 8.61
N ASN A 131 17.46 21.03 7.43
CA ASN A 131 18.55 21.28 6.48
C ASN A 131 18.09 22.28 5.49
N TYR A 132 18.61 23.51 5.61
CA TYR A 132 18.22 24.64 4.79
C TYR A 132 19.11 24.74 3.60
N GLN A 133 20.10 23.84 3.46
CA GLN A 133 21.04 23.90 2.31
C GLN A 133 20.68 22.99 1.07
N SER A 134 20.21 21.78 1.29
CA SER A 134 19.73 20.97 0.16
C SER A 134 18.86 19.90 0.76
N CYS A 135 17.99 19.29 -0.04
CA CYS A 135 17.23 18.15 0.42
C CYS A 135 17.26 17.18 -0.74
N PRO A 136 16.95 15.94 -0.47
CA PRO A 136 17.09 14.98 -1.63
C PRO A 136 16.26 15.38 -2.90
N ASP A 137 16.85 15.15 -4.10
CA ASP A 137 16.08 15.26 -5.34
C ASP A 137 15.44 13.87 -5.61
N TRP A 138 14.14 13.83 -5.90
CA TRP A 138 13.46 12.57 -6.15
C TRP A 138 14.13 11.68 -7.22
N ARG A 139 14.66 12.24 -8.31
CA ARG A 139 15.32 11.38 -9.36
C ARG A 139 16.73 11.02 -8.95
N LYS A 140 17.55 12.05 -8.70
CA LYS A 140 18.94 11.82 -8.42
C LYS A 140 19.28 11.11 -7.10
N ASP A 141 18.58 11.49 -6.04
CA ASP A 141 18.99 11.00 -4.76
C ASP A 141 18.11 9.89 -4.19
N CYS A 142 16.82 10.23 -3.98
CA CYS A 142 15.92 9.24 -3.40
C CYS A 142 14.53 9.65 -3.46
N SER A 143 13.65 8.66 -3.70
CA SER A 143 12.27 9.04 -3.74
C SER A 143 11.66 9.09 -2.34
N ASN A 144 12.28 8.42 -1.33
CA ASN A 144 11.72 8.29 0.05
C ASN A 144 12.14 9.48 0.91
N ASN A 145 12.08 10.65 0.32
CA ASN A 145 12.43 11.86 1.02
C ASN A 145 11.18 12.52 1.70
N PRO A 146 11.42 13.50 2.61
CA PRO A 146 10.32 14.04 3.39
C PRO A 146 9.19 14.60 2.51
N VAL A 147 9.54 15.37 1.50
CA VAL A 147 8.49 16.04 0.68
C VAL A 147 7.77 15.02 -0.17
N SER A 148 8.50 14.23 -0.95
CA SER A 148 7.76 13.19 -1.72
C SER A 148 6.86 12.27 -0.92
N VAL A 149 7.35 11.82 0.22
CA VAL A 149 6.60 10.91 1.00
C VAL A 149 5.36 11.60 1.56
N PHE A 150 5.51 12.85 1.96
CA PHE A 150 4.31 13.62 2.42
C PHE A 150 3.24 13.63 1.36
N TRP A 151 3.60 13.98 0.16
CA TRP A 151 2.52 14.20 -0.87
C TRP A 151 1.93 12.87 -1.19
N LYS A 152 2.71 11.76 -1.27
CA LYS A 152 2.17 10.48 -1.60
C LYS A 152 1.19 10.12 -0.45
N THR A 153 1.56 10.35 0.80
CA THR A 153 0.70 9.98 1.93
C THR A 153 -0.64 10.74 1.99
N VAL A 154 -0.54 12.04 1.85
CA VAL A 154 -1.76 12.89 1.97
C VAL A 154 -2.56 12.69 0.69
N SER A 155 -1.95 12.47 -0.48
CA SER A 155 -2.75 12.34 -1.75
C SER A 155 -3.54 11.04 -1.73
N ARG A 156 -2.94 9.98 -1.22
CA ARG A 156 -3.62 8.75 -1.22
C ARG A 156 -4.82 8.87 -0.34
N ARG A 157 -4.73 9.53 0.82
CA ARG A 157 -5.91 9.60 1.71
C ARG A 157 -7.00 10.45 1.03
N PHE A 158 -6.59 11.49 0.34
CA PHE A 158 -7.58 12.38 -0.31
C PHE A 158 -8.31 11.59 -1.36
N ALA A 159 -7.55 10.84 -2.17
CA ALA A 159 -8.22 10.06 -3.23
C ALA A 159 -9.18 8.99 -2.66
N GLU A 160 -8.81 8.40 -1.54
CA GLU A 160 -9.64 7.36 -0.90
C GLU A 160 -10.92 7.99 -0.40
N ALA A 161 -10.95 9.32 -0.25
CA ALA A 161 -12.18 9.98 0.34
C ALA A 161 -13.15 10.32 -0.80
N ALA A 162 -12.74 10.21 -2.03
CA ALA A 162 -13.65 10.70 -3.13
C ALA A 162 -14.75 9.70 -3.42
N CYS A 163 -15.87 10.27 -3.89
CA CYS A 163 -17.00 9.51 -4.33
C CYS A 163 -17.63 10.15 -5.54
N ASP A 164 -18.58 9.37 -6.11
CA ASP A 164 -19.50 9.91 -7.14
C ASP A 164 -18.68 10.30 -8.32
N VAL A 165 -18.78 11.54 -8.83
CA VAL A 165 -17.97 11.96 -10.00
C VAL A 165 -16.76 12.74 -9.45
N VAL A 166 -15.57 12.24 -9.83
CA VAL A 166 -14.36 12.93 -9.40
C VAL A 166 -13.78 13.58 -10.70
N HIS A 167 -13.29 14.80 -10.54
CA HIS A 167 -12.79 15.54 -11.73
C HIS A 167 -11.24 15.63 -11.61
N VAL A 168 -10.61 15.67 -12.83
CA VAL A 168 -9.15 15.95 -12.77
C VAL A 168 -8.80 16.91 -13.90
N MET A 169 -8.07 17.95 -13.56
CA MET A 169 -7.56 18.85 -14.65
C MET A 169 -6.18 18.34 -15.06
N LEU A 170 -5.96 18.20 -16.35
CA LEU A 170 -4.67 17.75 -16.89
C LEU A 170 -4.13 18.81 -17.87
N ASP A 171 -2.81 18.92 -17.90
CA ASP A 171 -2.14 19.92 -18.70
C ASP A 171 -1.95 19.41 -20.15
N GLY A 172 -2.80 19.90 -21.04
CA GLY A 172 -2.75 19.49 -22.45
C GLY A 172 -1.69 20.19 -23.19
N SER A 173 -0.84 20.98 -22.54
CA SER A 173 0.25 21.62 -23.26
C SER A 173 1.57 20.77 -23.18
N ARG A 174 1.51 19.66 -22.48
CA ARG A 174 2.65 18.86 -22.11
C ARG A 174 2.74 17.62 -22.95
N SER A 175 3.96 17.11 -23.00
CA SER A 175 4.34 15.83 -23.54
C SER A 175 3.43 14.66 -23.29
N LYS A 176 3.26 14.38 -22.00
CA LYS A 176 2.49 13.33 -21.36
C LYS A 176 1.36 14.03 -20.67
N ILE A 177 0.21 14.18 -21.34
CA ILE A 177 -0.98 14.79 -20.70
C ILE A 177 -1.38 14.04 -19.46
N PHE A 178 -1.46 12.74 -19.60
CA PHE A 178 -1.57 11.88 -18.40
C PHE A 178 -0.19 11.24 -18.22
N ASP A 179 0.40 11.44 -17.03
CA ASP A 179 1.74 11.06 -16.75
C ASP A 179 1.62 10.04 -15.61
N LYS A 180 1.98 8.80 -15.92
CA LYS A 180 1.85 7.78 -14.89
C LYS A 180 2.79 7.95 -13.68
N ASP A 181 3.80 8.80 -13.82
CA ASP A 181 4.72 9.13 -12.72
C ASP A 181 4.28 10.26 -11.76
N SER A 182 3.23 10.98 -12.13
CA SER A 182 2.79 12.11 -11.36
C SER A 182 2.09 11.63 -10.09
N THR A 183 1.80 12.52 -9.15
CA THR A 183 1.02 12.10 -7.96
C THR A 183 -0.34 11.61 -8.40
N PHE A 184 -0.91 12.28 -9.39
CA PHE A 184 -2.24 11.80 -9.82
C PHE A 184 -2.08 10.40 -10.46
N GLY A 185 -1.08 10.18 -11.38
CA GLY A 185 -1.09 8.95 -12.12
C GLY A 185 -0.56 7.81 -11.32
N SER A 186 0.29 8.09 -10.30
CA SER A 186 0.99 6.96 -9.62
C SER A 186 0.21 6.61 -8.32
N VAL A 187 -0.42 7.58 -7.66
CA VAL A 187 -1.07 7.37 -6.41
C VAL A 187 -2.59 7.56 -6.57
N GLU A 188 -3.06 8.74 -7.05
CA GLU A 188 -4.49 9.01 -6.88
C GLU A 188 -5.34 8.09 -7.78
N VAL A 189 -4.94 7.86 -9.03
CA VAL A 189 -5.74 6.98 -9.92
C VAL A 189 -5.91 5.61 -9.28
N HIS A 190 -4.98 5.15 -8.50
CA HIS A 190 -5.00 3.77 -8.03
C HIS A 190 -5.66 3.67 -6.63
N ASN A 191 -6.02 4.85 -6.09
CA ASN A 191 -6.59 4.84 -4.68
C ASN A 191 -7.99 5.38 -4.68
N LEU A 192 -8.52 5.82 -5.78
CA LEU A 192 -10.02 6.05 -5.89
C LEU A 192 -10.68 4.72 -5.59
N GLN A 193 -11.73 4.72 -4.77
CA GLN A 193 -12.39 3.46 -4.42
C GLN A 193 -13.55 3.14 -5.37
N PRO A 194 -13.41 2.09 -6.16
CA PRO A 194 -14.49 1.81 -7.17
C PRO A 194 -15.82 1.57 -6.54
N GLU A 195 -15.88 1.12 -5.29
CA GLU A 195 -17.21 0.99 -4.70
C GLU A 195 -17.98 2.31 -4.59
N LYS A 196 -17.23 3.41 -4.53
CA LYS A 196 -17.78 4.79 -4.18
C LYS A 196 -17.74 5.70 -5.40
N VAL A 197 -16.71 5.56 -6.28
CA VAL A 197 -16.51 6.50 -7.37
C VAL A 197 -17.15 5.98 -8.62
N GLN A 198 -18.11 6.79 -9.13
CA GLN A 198 -18.83 6.35 -10.31
C GLN A 198 -17.96 6.64 -11.58
N THR A 199 -17.39 7.85 -11.62
CA THR A 199 -16.86 8.41 -12.87
C THR A 199 -15.63 9.22 -12.50
N LEU A 200 -14.55 9.09 -13.30
CA LEU A 200 -13.47 10.11 -13.28
C LEU A 200 -13.62 10.87 -14.58
N GLU A 201 -13.84 12.20 -14.44
CA GLU A 201 -14.01 13.07 -15.62
C GLU A 201 -12.74 13.91 -15.75
N ALA A 202 -12.04 13.80 -16.87
CA ALA A 202 -10.81 14.60 -17.04
C ALA A 202 -11.16 15.82 -17.86
N TRP A 203 -10.58 16.96 -17.47
CA TRP A 203 -10.70 18.21 -18.23
C TRP A 203 -9.27 18.42 -18.71
N VAL A 204 -9.07 18.36 -20.05
CA VAL A 204 -7.77 18.51 -20.59
C VAL A 204 -7.59 19.96 -21.00
N ILE A 205 -6.68 20.66 -20.34
CA ILE A 205 -6.55 22.10 -20.42
C ILE A 205 -5.63 22.41 -21.57
N HIS A 206 -6.13 23.10 -22.60
CA HIS A 206 -5.26 23.41 -23.76
C HIS A 206 -4.30 24.57 -23.40
N GLY A 207 -3.17 24.67 -24.10
CA GLY A 207 -2.19 25.70 -23.81
C GLY A 207 -2.11 26.38 -25.15
N GLY A 208 -2.54 25.57 -26.12
CA GLY A 208 -2.18 25.73 -27.51
C GLY A 208 -3.09 26.78 -28.08
N ARG A 209 -2.44 27.75 -28.72
CA ARG A 209 -3.10 28.88 -29.33
C ARG A 209 -4.48 28.49 -29.87
N GLU A 210 -5.50 28.94 -29.14
CA GLU A 210 -6.87 28.83 -29.58
C GLU A 210 -7.20 27.47 -30.24
N ASP A 211 -7.35 27.47 -31.59
CA ASP A 211 -7.86 26.28 -32.34
C ASP A 211 -6.87 25.12 -32.32
N SER A 212 -7.37 23.96 -31.79
CA SER A 212 -6.57 22.82 -31.46
C SER A 212 -7.30 21.42 -31.62
N ARG A 213 -6.47 20.41 -31.50
CA ARG A 213 -6.88 19.01 -31.53
C ARG A 213 -7.89 18.62 -30.47
N ASP A 214 -8.51 17.46 -30.67
CA ASP A 214 -9.34 16.86 -29.65
C ASP A 214 -8.37 16.02 -28.81
N LEU A 215 -7.85 16.61 -27.75
CA LEU A 215 -6.85 15.93 -26.93
C LEU A 215 -7.40 14.78 -26.06
N CYS A 216 -8.70 14.64 -26.02
CA CYS A 216 -9.31 13.46 -25.41
C CYS A 216 -8.95 12.21 -26.23
N GLN A 217 -8.43 12.38 -27.43
CA GLN A 217 -7.92 11.22 -28.22
C GLN A 217 -6.37 10.99 -28.07
N ASP A 218 -5.69 11.76 -27.21
CA ASP A 218 -4.27 11.59 -27.02
C ASP A 218 -3.97 10.16 -26.52
N PRO A 219 -2.91 9.51 -26.98
CA PRO A 219 -2.65 8.15 -26.46
C PRO A 219 -2.59 8.07 -24.98
N THR A 220 -2.05 9.13 -24.33
CA THR A 220 -1.90 9.01 -22.85
C THR A 220 -3.26 9.10 -22.19
N ILE A 221 -4.19 9.84 -22.78
CA ILE A 221 -5.58 9.88 -22.26
C ILE A 221 -6.26 8.52 -22.55
N LYS A 222 -5.95 7.84 -23.64
CA LYS A 222 -6.55 6.55 -23.84
C LYS A 222 -6.00 5.61 -22.82
N GLU A 223 -4.72 5.77 -22.44
CA GLU A 223 -4.18 4.88 -21.42
C GLU A 223 -4.93 5.13 -20.12
N LEU A 224 -5.07 6.40 -19.76
CA LEU A 224 -5.79 6.69 -18.51
C LEU A 224 -7.23 6.08 -18.56
N GLU A 225 -7.92 6.19 -19.70
CA GLU A 225 -9.28 5.59 -19.83
C GLU A 225 -9.21 4.18 -19.60
N SER A 226 -8.23 3.54 -20.18
CA SER A 226 -8.10 2.06 -19.97
C SER A 226 -7.87 1.72 -18.56
N ILE A 227 -6.92 2.40 -17.92
CA ILE A 227 -6.70 2.08 -16.50
C ILE A 227 -7.93 2.27 -15.67
N ILE A 228 -8.57 3.40 -15.86
CA ILE A 228 -9.75 3.67 -14.99
C ILE A 228 -10.86 2.69 -15.26
N SER A 229 -11.13 2.38 -16.57
CA SER A 229 -12.30 1.54 -16.98
C SER A 229 -12.03 0.14 -16.34
N LYS A 230 -10.73 -0.32 -16.31
CA LYS A 230 -10.40 -1.66 -15.80
C LYS A 230 -10.48 -1.65 -14.28
N ARG A 231 -10.61 -0.50 -13.63
CA ARG A 231 -10.84 -0.52 -12.19
C ARG A 231 -12.35 -0.54 -11.89
N ASN A 232 -13.19 -0.59 -12.95
CA ASN A 232 -14.69 -0.55 -12.81
C ASN A 232 -15.13 0.83 -12.41
N ILE A 233 -14.47 1.85 -12.98
CA ILE A 233 -14.90 3.26 -12.84
C ILE A 233 -15.09 3.81 -14.25
N GLN A 234 -16.12 4.60 -14.51
CA GLN A 234 -16.36 5.15 -15.88
C GLN A 234 -15.46 6.30 -16.06
N PHE A 235 -15.02 6.49 -17.29
CA PHE A 235 -14.19 7.60 -17.66
C PHE A 235 -14.88 8.51 -18.63
N SER A 236 -14.72 9.81 -18.38
CA SER A 236 -15.25 10.84 -19.32
C SER A 236 -14.09 11.87 -19.54
N CYS A 237 -14.06 12.53 -20.71
CA CYS A 237 -13.06 13.52 -20.92
C CYS A 237 -13.69 14.67 -21.69
N LYS A 238 -13.25 15.86 -21.37
CA LYS A 238 -13.67 17.08 -22.09
C LYS A 238 -12.44 17.90 -22.34
N ASN A 239 -12.42 18.59 -23.45
CA ASN A 239 -11.42 19.59 -23.75
C ASN A 239 -11.84 20.93 -23.18
N ILE A 240 -10.90 21.64 -22.55
CA ILE A 240 -11.11 23.06 -22.28
C ILE A 240 -10.12 23.78 -23.18
N TYR A 241 -10.67 24.33 -24.27
CA TYR A 241 -9.82 24.87 -25.28
C TYR A 241 -9.23 26.25 -24.89
N ARG A 242 -10.04 26.99 -24.15
CA ARG A 242 -9.62 28.33 -23.74
C ARG A 242 -9.88 28.47 -22.23
N PRO A 243 -8.85 28.21 -21.43
CA PRO A 243 -9.01 28.23 -19.97
C PRO A 243 -9.37 29.64 -19.53
N ASP A 244 -8.89 30.69 -20.23
CA ASP A 244 -9.29 31.99 -19.78
C ASP A 244 -10.83 32.20 -19.97
N LYS A 245 -11.35 31.68 -21.08
CA LYS A 245 -12.79 31.77 -21.30
C LYS A 245 -13.54 30.87 -20.28
N PHE A 246 -13.04 29.69 -20.04
CA PHE A 246 -13.63 28.90 -18.97
C PHE A 246 -13.71 29.65 -17.67
N LEU A 247 -12.61 30.17 -17.18
CA LEU A 247 -12.69 30.87 -15.86
C LEU A 247 -13.70 32.02 -15.90
N GLN A 248 -13.77 32.74 -17.01
CA GLN A 248 -14.75 33.77 -17.10
C GLN A 248 -16.15 33.30 -17.05
N CYS A 249 -16.40 32.14 -17.65
CA CYS A 249 -17.74 31.56 -17.66
C CYS A 249 -18.12 31.08 -16.26
N VAL A 250 -17.12 30.62 -15.51
CA VAL A 250 -17.36 30.24 -14.13
C VAL A 250 -17.72 31.46 -13.27
N LYS A 251 -17.07 32.58 -13.54
CA LYS A 251 -17.44 33.75 -12.75
C LYS A 251 -18.76 34.40 -13.17
N ASN A 252 -19.07 34.35 -14.46
CA ASN A 252 -20.17 35.06 -15.10
C ASN A 252 -20.77 34.17 -16.16
N PRO A 253 -21.54 33.17 -15.74
CA PRO A 253 -22.09 32.14 -16.62
C PRO A 253 -23.23 32.67 -17.47
N GLU A 254 -23.77 33.84 -17.13
CA GLU A 254 -24.95 34.34 -17.83
C GLU A 254 -24.42 34.90 -19.08
N ASP A 255 -23.12 34.76 -19.21
CA ASP A 255 -22.51 35.74 -19.99
C ASP A 255 -22.09 35.33 -21.33
N SER A 256 -21.60 36.41 -21.94
CA SER A 256 -20.67 36.49 -23.02
C SER A 256 -20.32 35.19 -23.70
N SER A 257 -21.31 34.57 -24.36
CA SER A 257 -20.93 33.43 -25.19
C SER A 257 -20.34 32.28 -24.37
N CYS A 258 -20.80 32.11 -23.13
CA CYS A 258 -20.65 30.88 -22.38
C CYS A 258 -21.84 29.99 -22.71
N ARG B 7 15.26 -0.74 -23.68
CA ARG B 7 14.97 0.39 -22.75
C ARG B 7 15.68 0.21 -21.40
N TRP B 8 15.99 1.35 -20.87
CA TRP B 8 16.93 1.38 -19.77
C TRP B 8 16.13 1.64 -18.48
N ARG B 9 14.79 1.77 -18.55
CA ARG B 9 14.04 2.10 -17.34
C ARG B 9 13.20 0.84 -17.01
N GLN B 10 13.01 0.67 -15.76
CA GLN B 10 12.06 -0.35 -15.41
C GLN B 10 10.85 0.31 -14.85
N THR B 11 9.71 -0.37 -14.93
CA THR B 11 8.52 0.22 -14.47
C THR B 11 8.41 0.34 -12.95
N TRP B 12 8.88 -0.70 -12.21
CA TRP B 12 8.59 -0.74 -10.79
C TRP B 12 9.85 -0.90 -10.01
N SER B 13 9.73 -0.76 -8.68
CA SER B 13 10.93 -0.79 -7.78
C SER B 13 11.25 -2.17 -7.27
N GLY B 14 10.33 -3.14 -7.31
CA GLY B 14 10.52 -4.45 -6.72
C GLY B 14 11.05 -5.42 -7.79
N PRO B 15 11.49 -6.59 -7.31
CA PRO B 15 11.90 -7.61 -8.25
C PRO B 15 10.75 -8.00 -9.18
N GLY B 16 11.12 -8.46 -10.38
CA GLY B 16 10.17 -8.88 -11.33
C GLY B 16 9.74 -10.34 -11.10
N THR B 17 8.92 -10.74 -12.09
CA THR B 17 8.43 -12.14 -11.95
C THR B 17 9.57 -13.15 -12.01
N THR B 18 9.42 -14.14 -11.11
CA THR B 18 10.47 -15.20 -11.04
C THR B 18 10.63 -15.88 -12.37
N LYS B 19 11.88 -16.08 -12.75
CA LYS B 19 12.11 -16.76 -14.10
C LYS B 19 11.30 -18.07 -14.17
N ARG B 20 10.71 -18.26 -15.33
CA ARG B 20 9.99 -19.50 -15.69
C ARG B 20 8.82 -19.73 -14.73
N PHE B 21 8.27 -18.62 -14.29
CA PHE B 21 7.03 -18.60 -13.46
C PHE B 21 5.85 -19.55 -13.89
N PRO B 22 5.42 -19.50 -15.13
CA PRO B 22 4.31 -20.37 -15.56
C PRO B 22 4.75 -21.82 -15.43
N GLU B 23 5.93 -22.15 -15.92
CA GLU B 23 6.40 -23.55 -15.83
C GLU B 23 6.45 -24.00 -14.37
N THR B 24 6.98 -23.13 -13.55
CA THR B 24 7.19 -23.45 -12.16
C THR B 24 5.91 -23.65 -11.42
N VAL B 25 4.93 -22.81 -11.67
CA VAL B 25 3.62 -22.96 -10.94
C VAL B 25 2.96 -24.25 -11.45
N LEU B 26 2.98 -24.50 -12.76
CA LEU B 26 2.32 -25.75 -13.20
C LEU B 26 3.10 -26.92 -12.60
N ALA B 27 4.46 -26.95 -12.56
CA ALA B 27 5.19 -28.11 -12.04
C ALA B 27 4.90 -28.29 -10.54
N ARG B 28 4.70 -27.16 -9.82
CA ARG B 28 4.44 -27.31 -8.43
C ARG B 28 3.06 -27.88 -8.24
N CYS B 29 2.11 -27.50 -9.04
CA CYS B 29 0.76 -28.03 -8.97
C CYS B 29 0.83 -29.55 -9.18
N VAL B 30 1.52 -29.96 -10.24
CA VAL B 30 1.72 -31.40 -10.53
C VAL B 30 2.37 -32.10 -9.36
N LYS B 31 3.46 -31.58 -8.85
CA LYS B 31 4.12 -32.20 -7.71
C LYS B 31 3.26 -32.26 -6.46
N TYR B 32 2.56 -31.18 -6.12
CA TYR B 32 1.76 -31.17 -4.92
C TYR B 32 0.67 -32.27 -5.00
N THR B 33 0.03 -32.39 -6.16
CA THR B 33 -1.04 -33.40 -6.29
C THR B 33 -0.47 -34.82 -6.26
N GLU B 34 0.75 -34.97 -6.79
CA GLU B 34 1.40 -36.31 -6.65
C GLU B 34 1.63 -36.69 -5.22
N ILE B 35 2.18 -35.77 -4.46
CA ILE B 35 2.46 -35.91 -3.01
C ILE B 35 1.17 -35.98 -2.18
N HIS B 36 0.16 -35.23 -2.56
CA HIS B 36 -1.09 -35.12 -1.77
C HIS B 36 -2.31 -35.65 -2.55
N PRO B 37 -2.56 -36.97 -2.48
CA PRO B 37 -3.57 -37.50 -3.40
C PRO B 37 -4.93 -36.98 -3.17
N GLU B 38 -5.19 -36.44 -2.00
CA GLU B 38 -6.51 -35.89 -1.75
C GLU B 38 -6.77 -34.63 -2.60
N MET B 39 -5.73 -34.11 -3.25
CA MET B 39 -5.99 -32.91 -4.12
C MET B 39 -5.89 -33.24 -5.60
N ARG B 40 -5.84 -34.51 -5.90
CA ARG B 40 -5.76 -34.92 -7.36
C ARG B 40 -7.00 -34.63 -8.19
N HIS B 41 -8.10 -34.29 -7.56
CA HIS B 41 -9.27 -33.84 -8.24
C HIS B 41 -9.06 -32.53 -8.98
N VAL B 42 -7.94 -31.87 -8.72
CA VAL B 42 -7.79 -30.55 -9.29
C VAL B 42 -7.19 -30.70 -10.70
N ASP B 43 -7.49 -29.80 -11.62
CA ASP B 43 -6.86 -29.83 -12.92
C ASP B 43 -5.74 -28.78 -12.93
N CYS B 44 -4.51 -29.22 -12.98
CA CYS B 44 -3.42 -28.26 -12.76
C CYS B 44 -3.36 -27.18 -13.87
N GLN B 45 -3.71 -27.54 -15.12
CA GLN B 45 -3.75 -26.46 -16.19
C GLN B 45 -4.82 -25.47 -15.86
N SER B 46 -5.97 -25.94 -15.40
CA SER B 46 -7.06 -25.04 -15.04
C SER B 46 -6.66 -24.09 -13.87
N VAL B 47 -5.95 -24.66 -12.90
CA VAL B 47 -5.43 -23.89 -11.78
C VAL B 47 -4.50 -22.82 -12.31
N TRP B 48 -3.55 -23.21 -13.17
CA TRP B 48 -2.64 -22.14 -13.69
C TRP B 48 -3.46 -21.13 -14.47
N ASP B 49 -4.37 -21.53 -15.32
CA ASP B 49 -5.15 -20.55 -16.05
C ASP B 49 -5.87 -19.59 -15.12
N ALA B 50 -6.42 -20.11 -14.02
CA ALA B 50 -7.05 -19.25 -13.08
C ALA B 50 -6.14 -18.28 -12.39
N PHE B 51 -4.95 -18.77 -12.10
CA PHE B 51 -3.93 -17.94 -11.44
C PHE B 51 -3.47 -16.83 -12.40
N LYS B 52 -3.11 -17.19 -13.64
CA LYS B 52 -2.66 -16.17 -14.65
C LYS B 52 -3.84 -15.18 -14.78
N GLY B 53 -5.10 -15.65 -14.85
CA GLY B 53 -6.27 -14.76 -15.09
C GLY B 53 -6.52 -13.75 -13.99
N ALA B 54 -5.95 -14.02 -12.80
CA ALA B 54 -6.08 -13.02 -11.70
C ALA B 54 -5.29 -11.74 -12.00
N PHE B 55 -4.19 -11.82 -12.77
CA PHE B 55 -3.31 -10.65 -12.83
C PHE B 55 -2.87 -10.36 -14.25
N ILE B 56 -2.95 -11.27 -15.26
CA ILE B 56 -2.51 -10.88 -16.58
C ILE B 56 -3.40 -9.79 -17.17
N SER B 57 -2.77 -8.88 -17.88
CA SER B 57 -3.49 -7.74 -18.55
C SER B 57 -4.19 -6.84 -17.47
N LYS B 58 -3.75 -6.87 -16.25
CA LYS B 58 -4.33 -5.91 -15.34
C LYS B 58 -3.21 -5.06 -14.81
N HIS B 59 -3.56 -3.81 -14.47
CA HIS B 59 -2.53 -2.98 -13.88
C HIS B 59 -2.10 -3.51 -12.53
N PRO B 60 -0.81 -3.63 -12.30
CA PRO B 60 -0.42 -4.36 -11.12
C PRO B 60 -0.52 -3.57 -9.79
N CYS B 61 -1.09 -2.36 -9.81
CA CYS B 61 -1.51 -1.66 -8.60
C CYS B 61 -3.00 -1.74 -8.33
N ASP B 62 -3.74 -2.46 -9.22
CA ASP B 62 -5.20 -2.41 -9.23
C ASP B 62 -5.78 -3.76 -8.93
N ILE B 63 -4.97 -4.68 -8.40
CA ILE B 63 -5.48 -6.08 -8.22
C ILE B 63 -6.42 -6.11 -7.03
N THR B 64 -7.49 -6.96 -7.11
CA THR B 64 -8.45 -7.01 -6.02
C THR B 64 -8.56 -8.47 -5.54
N GLU B 65 -9.10 -8.62 -4.35
CA GLU B 65 -9.36 -10.01 -3.86
C GLU B 65 -10.26 -10.79 -4.87
N GLU B 66 -11.26 -10.09 -5.48
CA GLU B 66 -12.16 -10.77 -6.42
C GLU B 66 -11.40 -11.24 -7.61
N ASP B 67 -10.28 -10.58 -7.95
CA ASP B 67 -9.48 -11.11 -9.07
C ASP B 67 -9.02 -12.58 -8.81
N TYR B 68 -8.79 -12.85 -7.54
CA TYR B 68 -8.26 -14.22 -7.20
C TYR B 68 -9.35 -15.20 -6.85
N GLN B 69 -10.62 -14.78 -6.95
CA GLN B 69 -11.67 -15.74 -6.51
C GLN B 69 -11.75 -17.00 -7.38
N PRO B 70 -11.58 -16.88 -8.70
CA PRO B 70 -11.61 -18.15 -9.47
C PRO B 70 -10.50 -19.13 -8.99
N LEU B 71 -9.32 -18.60 -8.77
CA LEU B 71 -8.28 -19.48 -8.24
C LEU B 71 -8.58 -20.02 -6.86
N MET B 72 -9.11 -19.22 -5.97
CA MET B 72 -9.48 -19.70 -4.66
C MET B 72 -10.50 -20.81 -4.78
N LYS B 73 -11.51 -20.67 -5.64
CA LYS B 73 -12.48 -21.77 -5.80
C LYS B 73 -11.82 -23.03 -6.26
N LEU B 74 -10.97 -22.96 -7.31
CA LEU B 74 -10.36 -24.22 -7.81
C LEU B 74 -9.39 -24.82 -6.81
N GLY B 75 -8.76 -23.97 -6.00
CA GLY B 75 -7.81 -24.51 -4.96
C GLY B 75 -8.48 -24.76 -3.61
N THR B 76 -9.81 -24.69 -3.49
CA THR B 76 -10.56 -25.08 -2.28
C THR B 76 -9.94 -26.37 -1.66
N GLN B 77 -9.66 -26.30 -0.33
CA GLN B 77 -8.97 -27.39 0.35
C GLN B 77 -9.27 -27.17 1.81
N THR B 78 -9.81 -28.18 2.47
CA THR B 78 -10.11 -28.22 3.90
C THR B 78 -8.96 -28.99 4.52
N VAL B 79 -8.12 -28.36 5.34
CA VAL B 79 -7.15 -29.13 6.11
C VAL B 79 -7.73 -29.19 7.49
N PRO B 80 -7.31 -30.17 8.31
CA PRO B 80 -7.99 -30.26 9.62
C PRO B 80 -7.86 -28.93 10.39
N CYS B 81 -9.00 -28.34 10.73
CA CYS B 81 -8.98 -26.99 11.31
C CYS B 81 -8.25 -26.77 12.64
N ASN B 82 -8.08 -27.86 13.39
CA ASN B 82 -7.48 -27.82 14.74
C ASN B 82 -5.98 -28.10 14.67
N LYS B 83 -5.43 -28.07 13.43
CA LYS B 83 -4.00 -28.44 13.27
C LYS B 83 -3.27 -27.38 12.47
N ILE B 84 -3.60 -26.11 12.68
CA ILE B 84 -3.05 -25.06 11.84
C ILE B 84 -1.87 -24.42 12.60
N LEU B 85 -0.76 -24.23 11.86
CA LEU B 85 0.39 -23.54 12.36
C LEU B 85 0.61 -22.26 11.52
N LEU B 86 0.40 -21.12 12.18
CA LEU B 86 0.73 -19.84 11.57
C LEU B 86 2.19 -19.49 11.85
N TRP B 87 2.70 -18.50 11.11
CA TRP B 87 4.07 -18.04 11.46
C TRP B 87 4.28 -16.59 11.06
N SER B 88 5.25 -15.95 11.70
CA SER B 88 5.64 -14.58 11.34
C SER B 88 7.15 -14.58 11.27
N ARG B 89 7.72 -14.30 10.10
CA ARG B 89 9.20 -14.15 9.90
C ARG B 89 10.05 -15.34 10.26
N ILE B 90 9.49 -16.56 10.35
CA ILE B 90 10.28 -17.68 10.72
C ILE B 90 9.68 -18.86 9.94
N LYS B 91 9.44 -18.62 8.66
CA LYS B 91 8.79 -19.67 7.86
C LYS B 91 9.66 -20.94 7.67
N ASP B 92 11.00 -20.81 7.65
CA ASP B 92 11.79 -22.01 7.41
C ASP B 92 11.61 -22.96 8.56
N LEU B 93 11.64 -22.48 9.80
CA LEU B 93 11.47 -23.44 10.93
C LEU B 93 10.04 -24.00 10.93
N ALA B 94 9.07 -23.16 10.55
CA ALA B 94 7.71 -23.63 10.57
C ALA B 94 7.51 -24.76 9.59
N HIS B 95 8.13 -24.66 8.44
CA HIS B 95 8.00 -25.64 7.45
C HIS B 95 8.78 -26.91 7.82
N GLN B 96 9.96 -26.76 8.44
CA GLN B 96 10.73 -27.91 8.83
C GLN B 96 9.90 -28.64 9.87
N PHE B 97 9.26 -27.88 10.72
CA PHE B 97 8.39 -28.50 11.72
C PHE B 97 7.25 -29.31 11.11
N THR B 98 6.41 -28.74 10.20
CA THR B 98 5.39 -29.55 9.56
C THR B 98 5.88 -30.63 8.61
N GLN B 99 7.16 -30.60 8.22
CA GLN B 99 7.69 -31.70 7.47
C GLN B 99 7.78 -32.95 8.37
N VAL B 100 8.08 -32.71 9.64
CA VAL B 100 8.23 -33.79 10.61
C VAL B 100 6.91 -34.18 11.29
N GLN B 101 6.26 -33.16 11.84
CA GLN B 101 4.94 -33.26 12.48
C GLN B 101 3.89 -33.14 11.40
N ARG B 102 3.74 -34.23 10.68
CA ARG B 102 3.07 -34.21 9.42
C ARG B 102 1.59 -34.06 9.60
N ASP B 103 1.24 -33.86 10.85
CA ASP B 103 -0.11 -33.72 11.27
C ASP B 103 -0.64 -32.27 11.21
N MET B 104 0.30 -31.36 11.05
CA MET B 104 0.07 -29.95 11.23
C MET B 104 0.38 -29.27 9.90
N PHE B 105 -0.30 -28.14 9.68
CA PHE B 105 -0.26 -27.51 8.40
C PHE B 105 -0.01 -26.03 8.48
N THR B 106 0.98 -25.53 7.76
CA THR B 106 1.05 -24.09 7.51
C THR B 106 0.34 -23.77 6.22
N LEU B 107 0.31 -22.51 5.91
CA LEU B 107 -0.37 -22.09 4.67
C LEU B 107 0.32 -22.71 3.47
N GLU B 108 1.65 -22.82 3.56
CA GLU B 108 2.38 -23.32 2.41
C GLU B 108 2.30 -24.82 2.26
N ASP B 109 1.59 -25.50 3.20
CA ASP B 109 1.31 -26.92 3.03
C ASP B 109 -0.03 -27.17 2.32
N THR B 110 -0.73 -26.07 2.01
CA THR B 110 -1.94 -26.15 1.20
C THR B 110 -1.52 -25.96 -0.26
N LEU B 111 -2.38 -26.40 -1.17
CA LEU B 111 -2.07 -26.31 -2.61
C LEU B 111 -1.71 -24.88 -2.93
N LEU B 112 -2.57 -23.95 -2.60
CA LEU B 112 -2.34 -22.57 -3.10
C LEU B 112 -1.09 -21.98 -2.52
N GLY B 113 -0.87 -22.16 -1.20
CA GLY B 113 0.32 -21.56 -0.60
C GLY B 113 1.58 -22.20 -1.21
N TYR B 114 1.57 -23.53 -1.40
CA TYR B 114 2.72 -24.22 -1.99
C TYR B 114 3.02 -23.69 -3.39
N LEU B 115 1.96 -23.44 -4.18
CA LEU B 115 2.22 -22.94 -5.62
C LEU B 115 3.01 -21.66 -5.53
N ALA B 116 2.66 -20.78 -4.59
CA ALA B 116 3.13 -19.37 -4.67
C ALA B 116 4.35 -19.09 -3.85
N ASP B 117 4.65 -19.97 -2.87
CA ASP B 117 5.71 -19.63 -1.94
C ASP B 117 7.03 -19.29 -2.61
N ASP B 118 7.60 -18.17 -2.18
CA ASP B 118 8.91 -17.71 -2.61
C ASP B 118 8.90 -17.19 -4.06
N LEU B 119 7.73 -17.06 -4.67
CA LEU B 119 7.71 -16.52 -6.03
C LEU B 119 7.21 -15.11 -6.07
N THR B 120 7.54 -14.42 -7.17
CA THR B 120 6.99 -13.10 -7.38
C THR B 120 6.42 -13.14 -8.79
N TRP B 121 5.32 -12.33 -8.95
CA TRP B 121 4.77 -12.25 -10.37
C TRP B 121 3.97 -10.99 -10.49
N CYS B 122 3.96 -10.49 -11.74
CA CYS B 122 3.01 -9.40 -12.10
C CYS B 122 2.84 -9.36 -13.60
N GLY B 123 1.78 -8.64 -14.03
CA GLY B 123 1.55 -8.46 -15.44
C GLY B 123 1.62 -6.97 -15.76
N GLU B 124 0.89 -6.59 -16.79
CA GLU B 124 0.86 -5.23 -17.39
C GLU B 124 -0.53 -4.89 -17.73
N PHE B 125 -0.97 -3.62 -17.64
CA PHE B 125 -2.41 -3.36 -17.93
C PHE B 125 -2.55 -3.54 -19.40
N ASP B 126 -1.50 -3.20 -20.14
CA ASP B 126 -1.83 -2.96 -21.56
C ASP B 126 -1.68 -4.25 -22.45
N THR B 127 -1.30 -5.39 -21.87
CA THR B 127 -0.81 -6.51 -22.69
C THR B 127 -1.06 -7.78 -21.97
N SER B 128 -0.84 -8.91 -22.64
CA SER B 128 -0.97 -10.19 -21.90
C SER B 128 0.35 -10.72 -21.43
N LYS B 129 1.36 -9.87 -21.45
CA LYS B 129 2.69 -10.36 -21.07
C LYS B 129 2.92 -10.34 -19.61
N ILE B 130 3.75 -11.31 -19.12
CA ILE B 130 4.20 -11.25 -17.74
C ILE B 130 5.41 -10.36 -17.63
N ASN B 131 5.47 -9.57 -16.53
CA ASN B 131 6.58 -8.64 -16.41
C ASN B 131 7.76 -9.34 -15.68
N TYR B 132 8.83 -9.71 -16.43
CA TYR B 132 9.92 -10.40 -15.74
C TYR B 132 11.02 -9.44 -15.30
N GLN B 133 10.83 -8.14 -15.61
CA GLN B 133 11.89 -7.16 -15.18
C GLN B 133 11.69 -6.50 -13.81
N SER B 134 10.43 -6.13 -13.47
CA SER B 134 10.17 -5.56 -12.16
C SER B 134 8.76 -5.65 -11.86
N CYS B 135 8.44 -5.64 -10.58
CA CYS B 135 7.00 -5.70 -10.13
C CYS B 135 6.88 -4.76 -8.94
N PRO B 136 5.67 -4.28 -8.62
CA PRO B 136 5.58 -3.19 -7.60
C PRO B 136 6.06 -3.65 -6.25
N ASP B 137 6.85 -2.79 -5.59
CA ASP B 137 7.16 -2.96 -4.19
C ASP B 137 6.01 -2.45 -3.35
N TRP B 138 5.60 -3.25 -2.39
CA TRP B 138 4.38 -2.91 -1.63
C TRP B 138 4.48 -1.62 -0.89
N ARG B 139 5.66 -1.21 -0.45
CA ARG B 139 5.77 0.06 0.29
C ARG B 139 6.08 1.20 -0.65
N LYS B 140 6.99 1.00 -1.58
CA LYS B 140 7.45 2.08 -2.41
C LYS B 140 6.56 2.37 -3.60
N ASP B 141 5.83 1.34 -4.07
CA ASP B 141 4.99 1.52 -5.30
C ASP B 141 3.53 1.45 -4.92
N CYS B 142 3.03 0.29 -4.61
CA CYS B 142 1.59 0.18 -4.32
C CYS B 142 1.27 -1.12 -3.66
N SER B 143 0.33 -1.04 -2.72
CA SER B 143 0.07 -2.27 -2.04
C SER B 143 -0.87 -3.25 -2.71
N ASN B 144 -1.77 -2.77 -3.59
CA ASN B 144 -2.67 -3.76 -4.18
C ASN B 144 -2.00 -4.44 -5.43
N ASN B 145 -0.89 -5.11 -5.23
CA ASN B 145 -0.18 -5.69 -6.38
C ASN B 145 -0.51 -7.18 -6.40
N PRO B 146 -0.11 -7.89 -7.44
CA PRO B 146 -0.54 -9.28 -7.55
C PRO B 146 -0.04 -10.10 -6.40
N VAL B 147 1.20 -9.98 -5.97
CA VAL B 147 1.67 -10.90 -4.91
C VAL B 147 1.01 -10.52 -3.59
N SER B 148 1.02 -9.22 -3.25
CA SER B 148 0.50 -8.88 -1.94
C SER B 148 -0.96 -9.27 -1.81
N VAL B 149 -1.76 -8.93 -2.83
CA VAL B 149 -3.18 -9.25 -2.79
C VAL B 149 -3.38 -10.76 -2.66
N PHE B 150 -2.58 -11.55 -3.37
CA PHE B 150 -2.71 -13.04 -3.29
C PHE B 150 -2.56 -13.45 -1.82
N TRP B 151 -1.48 -13.04 -1.17
CA TRP B 151 -1.25 -13.55 0.19
C TRP B 151 -2.36 -13.07 1.08
N LYS B 152 -2.76 -11.81 0.92
CA LYS B 152 -3.86 -11.33 1.83
C LYS B 152 -5.11 -12.18 1.66
N THR B 153 -5.43 -12.55 0.42
CA THR B 153 -6.69 -13.24 0.18
C THR B 153 -6.58 -14.67 0.72
N VAL B 154 -5.50 -15.31 0.38
CA VAL B 154 -5.39 -16.76 0.81
C VAL B 154 -5.16 -16.86 2.28
N SER B 155 -4.44 -15.92 2.90
CA SER B 155 -4.19 -15.87 4.35
C SER B 155 -5.47 -15.74 5.10
N ARG B 156 -6.36 -14.89 4.59
CA ARG B 156 -7.63 -14.66 5.24
C ARG B 156 -8.47 -15.91 5.27
N ARG B 157 -8.61 -16.55 4.11
CA ARG B 157 -9.39 -17.76 4.05
C ARG B 157 -8.83 -18.80 5.04
N PHE B 158 -7.50 -18.86 5.09
CA PHE B 158 -6.87 -19.92 5.90
C PHE B 158 -7.15 -19.68 7.34
N ALA B 159 -6.99 -18.45 7.75
CA ALA B 159 -7.28 -18.02 9.15
C ALA B 159 -8.73 -18.19 9.54
N GLU B 160 -9.61 -17.84 8.63
CA GLU B 160 -11.07 -18.00 8.88
C GLU B 160 -11.49 -19.45 9.14
N ALA B 161 -10.78 -20.39 8.59
CA ALA B 161 -11.13 -21.80 8.73
C ALA B 161 -10.56 -22.47 9.96
N ALA B 162 -9.63 -21.83 10.63
CA ALA B 162 -8.94 -22.45 11.76
C ALA B 162 -9.88 -22.57 12.93
N CYS B 163 -9.56 -23.52 13.79
CA CYS B 163 -10.41 -23.74 14.97
C CYS B 163 -9.61 -24.36 16.08
N ASP B 164 -10.27 -24.49 17.21
CA ASP B 164 -9.67 -25.04 18.47
C ASP B 164 -8.39 -24.30 18.93
N VAL B 165 -7.23 -24.98 19.04
CA VAL B 165 -5.99 -24.29 19.34
C VAL B 165 -5.22 -24.01 18.04
N VAL B 166 -4.92 -22.77 17.82
CA VAL B 166 -4.13 -22.35 16.62
C VAL B 166 -2.77 -22.02 17.19
N HIS B 167 -1.71 -22.47 16.49
CA HIS B 167 -0.35 -22.19 17.04
C HIS B 167 0.23 -21.15 16.09
N VAL B 168 1.09 -20.24 16.57
CA VAL B 168 1.81 -19.37 15.70
C VAL B 168 3.29 -19.43 16.12
N MET B 169 4.20 -19.63 15.18
CA MET B 169 5.63 -19.53 15.54
C MET B 169 6.06 -18.09 15.26
N LEU B 170 6.79 -17.49 16.20
CA LEU B 170 7.20 -16.12 16.04
C LEU B 170 8.73 -16.07 16.23
N ASP B 171 9.39 -15.18 15.51
CA ASP B 171 10.83 -15.06 15.61
C ASP B 171 11.31 -14.14 16.77
N GLY B 172 11.85 -14.77 17.82
CA GLY B 172 12.16 -14.07 19.04
C GLY B 172 13.47 -13.37 19.03
N SER B 173 14.20 -13.45 17.92
CA SER B 173 15.43 -12.69 17.77
C SER B 173 15.15 -11.45 16.89
N ARG B 174 13.87 -11.17 16.65
CA ARG B 174 13.44 -9.94 15.95
C ARG B 174 13.24 -8.86 16.98
N SER B 175 13.48 -7.63 16.61
CA SER B 175 13.26 -6.54 17.51
C SER B 175 11.77 -6.21 17.57
N LYS B 176 10.96 -6.98 16.85
CA LYS B 176 9.52 -6.78 16.78
C LYS B 176 8.89 -8.13 16.68
N ILE B 177 8.84 -8.88 17.79
CA ILE B 177 8.49 -10.28 17.72
C ILE B 177 7.12 -10.49 17.14
N PHE B 178 6.15 -9.76 17.68
CA PHE B 178 4.91 -9.60 16.99
C PHE B 178 4.95 -8.26 16.26
N ASP B 179 4.60 -8.30 14.99
CA ASP B 179 4.67 -7.15 14.10
C ASP B 179 3.33 -7.07 13.47
N LYS B 180 2.71 -5.91 13.55
CA LYS B 180 1.32 -5.80 13.13
C LYS B 180 1.15 -5.74 11.64
N ASP B 181 2.27 -5.64 10.93
CA ASP B 181 2.31 -5.41 9.51
C ASP B 181 2.50 -6.70 8.74
N SER B 182 2.78 -7.78 9.46
CA SER B 182 3.09 -9.01 8.76
C SER B 182 1.73 -9.58 8.29
N THR B 183 1.74 -10.56 7.38
CA THR B 183 0.47 -11.21 7.05
C THR B 183 -0.20 -11.76 8.30
N PHE B 184 0.56 -12.39 9.20
CA PHE B 184 -0.03 -12.91 10.44
C PHE B 184 -0.62 -11.77 11.25
N GLY B 185 0.11 -10.70 11.46
CA GLY B 185 -0.42 -9.64 12.31
C GLY B 185 -1.50 -8.76 11.70
N SER B 186 -1.51 -8.64 10.39
CA SER B 186 -2.45 -7.73 9.75
C SER B 186 -3.69 -8.40 9.15
N VAL B 187 -3.63 -9.69 8.81
CA VAL B 187 -4.79 -10.35 8.23
C VAL B 187 -5.15 -11.53 9.10
N GLU B 188 -4.17 -12.32 9.50
CA GLU B 188 -4.57 -13.59 10.09
C GLU B 188 -5.15 -13.41 11.50
N VAL B 189 -4.49 -12.63 12.31
CA VAL B 189 -5.01 -12.54 13.70
C VAL B 189 -6.46 -12.09 13.72
N HIS B 190 -6.80 -11.16 12.83
CA HIS B 190 -8.09 -10.50 12.92
C HIS B 190 -9.15 -11.30 12.24
N ASN B 191 -8.74 -12.44 11.68
CA ASN B 191 -9.70 -13.34 11.04
C ASN B 191 -9.84 -14.66 11.76
N LEU B 192 -9.17 -14.81 12.89
CA LEU B 192 -9.44 -15.96 13.77
C LEU B 192 -10.80 -15.75 14.44
N GLN B 193 -11.71 -16.70 14.28
CA GLN B 193 -13.13 -16.47 14.74
C GLN B 193 -13.34 -17.12 16.11
N PRO B 194 -13.69 -16.36 17.17
CA PRO B 194 -13.88 -16.91 18.51
C PRO B 194 -14.96 -18.01 18.58
N GLU B 195 -15.84 -18.08 17.61
CA GLU B 195 -16.78 -19.20 17.65
C GLU B 195 -16.11 -20.54 17.32
N LYS B 196 -14.91 -20.47 16.70
CA LYS B 196 -14.23 -21.67 16.25
C LYS B 196 -12.97 -21.86 17.08
N VAL B 197 -12.28 -20.75 17.39
CA VAL B 197 -10.97 -20.78 17.97
C VAL B 197 -11.05 -20.49 19.49
N GLN B 198 -10.53 -21.41 20.30
CA GLN B 198 -10.50 -21.17 21.75
C GLN B 198 -9.21 -20.49 22.17
N THR B 199 -8.12 -20.81 21.49
CA THR B 199 -6.80 -20.43 22.00
C THR B 199 -5.88 -20.17 20.85
N LEU B 200 -5.11 -19.09 20.99
CA LEU B 200 -3.98 -18.86 20.10
C LEU B 200 -2.73 -19.04 20.93
N GLU B 201 -1.86 -19.99 20.56
CA GLU B 201 -0.72 -20.27 21.35
C GLU B 201 0.46 -19.90 20.52
N ALA B 202 1.27 -19.02 21.05
CA ALA B 202 2.46 -18.60 20.37
C ALA B 202 3.69 -19.35 20.85
N TRP B 203 4.54 -19.70 19.93
CA TRP B 203 5.80 -20.32 20.23
C TRP B 203 6.87 -19.36 19.82
N VAL B 204 7.57 -18.79 20.81
CA VAL B 204 8.53 -17.77 20.45
C VAL B 204 9.89 -18.41 20.42
N ILE B 205 10.45 -18.43 19.23
CA ILE B 205 11.67 -19.15 18.95
C ILE B 205 12.83 -18.24 19.29
N HIS B 206 13.60 -18.67 20.28
CA HIS B 206 14.87 -17.96 20.62
C HIS B 206 15.96 -18.05 19.55
N GLY B 207 16.92 -17.13 19.61
CA GLY B 207 18.04 -17.16 18.67
C GLY B 207 19.03 -16.07 19.07
N GLY B 208 19.10 -15.85 20.40
CA GLY B 208 19.99 -14.81 20.96
C GLY B 208 21.06 -15.44 21.85
N ARG B 209 22.31 -14.98 21.74
CA ARG B 209 23.37 -15.59 22.51
C ARG B 209 22.85 -16.36 23.75
N GLU B 210 23.18 -17.65 23.81
CA GLU B 210 23.22 -18.32 25.10
C GLU B 210 21.80 -18.56 25.57
N ASP B 211 21.68 -18.94 26.85
CA ASP B 211 20.43 -18.91 27.62
C ASP B 211 19.70 -17.58 27.42
N SER B 212 18.50 -17.42 27.98
CA SER B 212 17.73 -16.21 27.66
C SER B 212 16.60 -15.71 28.61
N ARG B 213 16.00 -14.64 28.11
CA ARG B 213 14.88 -13.95 28.68
C ARG B 213 13.56 -14.69 28.49
N ASP B 214 12.56 -14.19 29.20
CA ASP B 214 11.21 -14.72 28.99
C ASP B 214 10.54 -13.87 27.96
N LEU B 215 10.57 -14.36 26.72
CA LEU B 215 10.17 -13.47 25.60
C LEU B 215 8.65 -13.43 25.52
N CYS B 216 8.00 -14.33 26.24
CA CYS B 216 6.57 -14.22 26.38
C CYS B 216 6.21 -12.91 27.11
N GLN B 217 7.21 -12.26 27.71
CA GLN B 217 6.89 -11.03 28.39
C GLN B 217 7.15 -9.81 27.54
N ASP B 218 7.51 -10.02 26.28
CA ASP B 218 7.97 -8.91 25.43
C ASP B 218 6.76 -8.02 25.19
N PRO B 219 6.98 -6.70 25.06
CA PRO B 219 5.94 -5.74 24.80
C PRO B 219 5.12 -6.12 23.56
N THR B 220 5.78 -6.52 22.47
CA THR B 220 5.00 -6.82 21.25
C THR B 220 4.19 -8.05 21.48
N ILE B 221 4.66 -8.93 22.37
CA ILE B 221 3.83 -10.12 22.69
C ILE B 221 2.66 -9.72 23.57
N LYS B 222 2.88 -8.81 24.54
CA LYS B 222 1.75 -8.32 25.28
C LYS B 222 0.72 -7.61 24.40
N GLU B 223 1.14 -6.99 23.29
CA GLU B 223 0.18 -6.40 22.36
C GLU B 223 -0.56 -7.52 21.65
N LEU B 224 0.16 -8.52 21.17
CA LEU B 224 -0.53 -9.62 20.53
C LEU B 224 -1.57 -10.20 21.51
N GLU B 225 -1.14 -10.41 22.73
CA GLU B 225 -2.09 -10.98 23.67
C GLU B 225 -3.29 -10.06 23.91
N SER B 226 -3.02 -8.75 24.02
CA SER B 226 -4.11 -7.83 24.05
C SER B 226 -5.13 -7.97 22.91
N ILE B 227 -4.64 -7.99 21.67
CA ILE B 227 -5.48 -8.19 20.50
C ILE B 227 -6.28 -9.47 20.54
N ILE B 228 -5.70 -10.60 20.92
CA ILE B 228 -6.57 -11.77 20.79
C ILE B 228 -7.54 -11.89 21.95
N SER B 229 -7.10 -11.45 23.14
CA SER B 229 -8.02 -11.30 24.33
C SER B 229 -9.23 -10.52 23.88
N LYS B 230 -8.99 -9.43 23.12
CA LYS B 230 -10.14 -8.63 22.77
C LYS B 230 -11.03 -9.32 21.74
N ARG B 231 -10.48 -10.27 20.99
CA ARG B 231 -11.31 -11.07 20.08
C ARG B 231 -12.10 -12.18 20.81
N ASN B 232 -12.01 -12.21 22.14
CA ASN B 232 -12.60 -13.29 22.95
C ASN B 232 -11.96 -14.65 22.76
N ILE B 233 -10.63 -14.64 22.60
CA ILE B 233 -9.81 -15.84 22.35
C ILE B 233 -8.74 -15.90 23.42
N GLN B 234 -8.48 -17.11 23.93
CA GLN B 234 -7.49 -17.25 24.98
C GLN B 234 -6.09 -17.20 24.38
N PHE B 235 -5.12 -16.61 25.10
CA PHE B 235 -3.77 -16.50 24.60
C PHE B 235 -2.82 -17.30 25.45
N SER B 236 -1.92 -18.05 24.83
CA SER B 236 -0.93 -18.82 25.51
C SER B 236 0.39 -18.54 24.83
N CYS B 237 1.46 -18.57 25.59
CA CYS B 237 2.77 -18.34 25.00
C CYS B 237 3.80 -19.30 25.61
N LYS B 238 4.71 -19.76 24.76
CA LYS B 238 5.82 -20.62 25.13
C LYS B 238 7.14 -20.21 24.56
N ASN B 239 8.17 -20.23 25.39
CA ASN B 239 9.51 -19.95 24.88
C ASN B 239 10.05 -21.22 24.31
N ILE B 240 10.67 -21.13 23.16
CA ILE B 240 11.46 -22.24 22.66
C ILE B 240 12.93 -21.78 22.69
N TYR B 241 13.69 -22.27 23.67
CA TYR B 241 15.03 -21.76 23.93
C TYR B 241 16.05 -22.22 22.89
N ARG B 242 15.89 -23.47 22.44
CA ARG B 242 16.83 -24.11 21.53
C ARG B 242 16.08 -24.74 20.35
N PRO B 243 15.81 -23.93 19.32
CA PRO B 243 15.12 -24.36 18.10
C PRO B 243 15.74 -25.68 17.58
N ASP B 244 17.05 -25.80 17.76
CA ASP B 244 17.76 -26.91 17.20
C ASP B 244 17.34 -28.18 17.92
N LYS B 245 17.34 -28.10 19.24
CA LYS B 245 16.88 -29.21 20.07
C LYS B 245 15.37 -29.49 19.87
N PHE B 246 14.58 -28.40 19.82
CA PHE B 246 13.17 -28.53 19.62
C PHE B 246 12.91 -29.39 18.42
N LEU B 247 13.55 -29.06 17.30
CA LEU B 247 13.37 -29.83 16.10
C LEU B 247 13.79 -31.28 16.23
N GLN B 248 14.90 -31.54 16.93
CA GLN B 248 15.31 -32.97 17.07
C GLN B 248 14.35 -33.75 17.96
N CYS B 249 13.79 -33.06 18.96
CA CYS B 249 12.71 -33.62 19.78
C CYS B 249 11.48 -33.88 18.98
N VAL B 250 11.17 -33.01 18.01
CA VAL B 250 9.95 -33.23 17.21
C VAL B 250 10.14 -34.48 16.37
N LYS B 251 11.38 -34.72 15.97
CA LYS B 251 11.71 -35.90 15.16
C LYS B 251 12.00 -37.13 16.07
N ASN B 252 12.32 -36.92 17.36
CA ASN B 252 12.59 -38.05 18.31
C ASN B 252 11.62 -37.95 19.45
N PRO B 253 10.34 -38.22 19.19
CA PRO B 253 9.27 -37.72 20.08
C PRO B 253 9.51 -38.02 21.57
N GLU B 254 10.10 -39.16 21.85
CA GLU B 254 10.06 -39.64 23.24
C GLU B 254 11.49 -39.87 23.69
N ASP B 255 12.39 -39.44 22.80
CA ASP B 255 13.76 -39.87 22.76
C ASP B 255 14.72 -38.73 23.12
N SER B 256 15.95 -38.80 22.59
CA SER B 256 17.10 -38.00 23.07
C SER B 256 16.72 -37.06 24.23
N SER B 257 16.58 -37.65 25.44
CA SER B 257 16.00 -36.97 26.61
C SER B 257 15.64 -35.49 26.34
N CYS B 258 14.36 -35.24 26.08
CA CYS B 258 13.93 -33.89 25.79
C CYS B 258 13.90 -33.03 27.02
PG GTP C . 11.35 15.49 -10.73
O1G GTP C . 12.16 14.85 -11.87
O2G GTP C . 12.15 16.59 -10.04
O3G GTP C . 10.98 14.44 -9.66
O3B GTP C . 9.97 16.17 -11.37
PB GTP C . 8.76 16.54 -10.33
O1B GTP C . 7.67 15.45 -10.28
O2B GTP C . 9.34 16.75 -8.92
O3A GTP C . 8.06 17.91 -10.79
PA GTP C . 6.53 18.13 -10.23
O1A GTP C . 6.28 19.45 -11.02
O2A GTP C . 5.52 17.04 -10.57
O5' GTP C . 6.55 18.33 -8.59
C5' GTP C . 6.78 19.63 -8.05
C4' GTP C . 6.43 19.76 -6.56
O4' GTP C . 5.05 19.47 -6.21
C3' GTP C . 7.32 18.90 -5.66
O3' GTP C . 7.40 19.45 -4.32
C2' GTP C . 6.35 17.83 -5.47
O2' GTP C . 6.69 17.00 -4.42
C1' GTP C . 5.09 18.58 -5.13
N9 GTP C . 3.92 17.71 -5.24
C8 GTP C . 3.75 16.35 -5.56
N7 GTP C . 2.39 16.08 -5.40
C5 GTP C . 1.73 17.19 -5.04
C6 GTP C . 0.45 17.47 -4.76
O6 GTP C . -0.47 16.64 -4.88
N1 GTP C . 0.09 18.73 -4.38
C2 GTP C . 1.03 19.69 -4.20
N2 GTP C . 0.55 20.90 -3.87
N3 GTP C . 2.34 19.47 -4.51
C4 GTP C . 2.69 18.22 -4.92
PG GTP D . 10.32 -4.96 4.51
O1G GTP D . 10.93 -4.57 5.85
O2G GTP D . 11.04 -4.17 3.40
O3G GTP D . 8.88 -4.43 4.48
O3B GTP D . 10.55 -6.63 4.37
PB GTP D . 9.26 -7.60 4.17
O1B GTP D . 8.26 -7.12 5.22
O2B GTP D . 8.69 -7.47 2.76
O3A GTP D . 9.38 -9.21 4.37
PA GTP D . 7.96 -10.04 4.27
O1A GTP D . 8.09 -11.32 5.15
O2A GTP D . 6.71 -9.24 4.69
O5' GTP D . 7.66 -10.49 2.73
C5' GTP D . 8.56 -11.37 2.05
C4' GTP D . 7.86 -12.16 0.94
O4' GTP D . 6.85 -12.99 1.60
C3' GTP D . 7.09 -11.32 -0.08
O3' GTP D . 6.76 -11.92 -1.38
C2' GTP D . 5.72 -11.39 0.54
O2' GTP D . 4.77 -11.25 -0.46
C1' GTP D . 5.67 -12.87 0.88
N9 GTP D . 4.53 -13.13 1.76
C8 GTP D . 3.65 -12.36 2.43
N7 GTP D . 2.77 -13.16 3.13
C5 GTP D . 3.15 -14.40 2.97
C6 GTP D . 2.68 -15.55 3.45
O6 GTP D . 1.67 -15.61 4.20
N1 GTP D . 3.23 -16.70 3.08
C2 GTP D . 4.32 -16.72 2.21
N2 GTP D . 4.76 -17.94 2.00
N3 GTP D . 4.83 -15.54 1.74
C4 GTP D . 4.25 -14.42 2.07
#